data_6RSR
#
_entry.id   6RSR
#
_cell.length_a   136.196
_cell.length_b   136.196
_cell.length_c   86.618
_cell.angle_alpha   90.00
_cell.angle_beta   90.00
_cell.angle_gamma   120.00
#
_symmetry.space_group_name_H-M   'P 32 2 1'
#
loop_
_entity.id
_entity.type
_entity.pdbx_description
1 polymer 'Serine/threonine-protein kinase TBK1'
2 non-polymer ~{N}-(cyclopropen-1-ylmethyl)-2-[[4-[[4-[3,3,3-tris(fluoranyl)propanoyl]piperazin-1-yl]methyl]pyridin-2-yl]amino]-1~{H}-benzimidazole-5-carboxamide
#
_entity_poly.entity_id   1
_entity_poly.type   'polypeptide(L)'
_entity_poly.pdbx_seq_one_letter_code
;GSGSAMGQSTSNHLWLLSDILGQGATANVFRGRHKKTGDLFAIKVFNNISFLRPVDVQMREFEVLKKLNHKNIVKLFAIE
EETTTRHKVLIMEFCPCGSLYTVLEEPSNAYGLPESEFLIVLRDVVGGMNHLRENGIVHRDIKPGNIMRVIGEDGQSVYK
LTDFGAARELEDDEQFVSLYGTEEYLHPDMYERAVLRKDHQKKYGATVDLWSIGVTFYHAATGSLPFRPFEGPRRNKEVM
YKIITGKPSGAISGVQKAENGPIDWSGDMPVSCSLSRGLQVLLTPVLANILEADQEKCWGFDQFFAETSDILHRMVIHVF
SLQQMTAHKIYIHSYNTATIFHELVYKQTKIISSNQELIYEGRRLVLEPGRLAQHFPKTTEENPIFVVSREPLNTIGLIY
EKISLPKVHPRYDLDGDASMAKAITGVVCYACRIASTLLLYQELMRKGIRWLIELIKDDYNETVHKKTEVVITLDFCIRN
IEKTVKVYEKLMKINLEAAELGEISDIHTKLLRLSSSQGTIETSLQDIDSRLSPGGSLADAWAHQEGTHPKDRNVEKLQV
LLNCMTEIYYQFKKDKAERRLAYNEEQIHKFDKQKLYYHATKAMTHFTDECVKKYEAFLNKSEEWIRKMLHLRKQLLSLT
NQCFDIEEEVSKYQEYTNELQET
;
_entity_poly.pdbx_strand_id   A
#
# COMPACT_ATOMS: atom_id res chain seq x y z
N ALA A 5 40.48 10.35 22.07
CA ALA A 5 41.90 9.97 21.83
C ALA A 5 42.42 10.64 20.56
N MET A 6 42.98 9.85 19.64
CA MET A 6 43.52 10.40 18.41
C MET A 6 42.39 10.88 17.50
N GLY A 7 42.59 12.04 16.87
CA GLY A 7 41.61 12.59 15.96
C GLY A 7 42.20 13.52 14.92
N GLN A 8 41.92 13.26 13.64
CA GLN A 8 42.43 14.07 12.55
C GLN A 8 41.91 15.50 12.66
N SER A 9 42.31 16.37 11.73
CA SER A 9 41.85 17.75 11.73
C SER A 9 42.17 18.39 10.39
N THR A 10 41.62 19.59 10.19
CA THR A 10 41.81 20.35 8.96
C THR A 10 41.83 21.83 9.32
N SER A 11 42.16 22.66 8.33
CA SER A 11 42.14 24.11 8.54
C SER A 11 40.82 24.57 9.13
N ASN A 12 39.69 24.06 8.61
CA ASN A 12 38.38 24.51 9.02
C ASN A 12 37.56 23.44 9.73
N HIS A 13 37.97 22.18 9.69
CA HIS A 13 37.18 21.08 10.23
C HIS A 13 38.06 20.18 11.08
N LEU A 14 37.41 19.41 11.96
CA LEU A 14 38.10 18.46 12.80
C LEU A 14 37.13 17.34 13.17
N TRP A 15 37.68 16.16 13.44
CA TRP A 15 36.85 15.00 13.74
C TRP A 15 37.67 13.97 14.50
N LEU A 16 36.97 13.02 15.10
CA LEU A 16 37.59 11.90 15.81
C LEU A 16 37.55 10.67 14.92
N LEU A 17 38.60 9.86 14.99
CA LEU A 17 38.62 8.60 14.24
C LEU A 17 37.61 7.61 14.78
N SER A 18 37.15 7.79 16.02
CA SER A 18 36.08 6.97 16.54
C SER A 18 34.79 7.22 15.77
N ASP A 19 34.41 8.49 15.63
CA ASP A 19 33.20 8.84 14.88
C ASP A 19 33.39 8.47 13.42
N ILE A 20 33.07 7.23 13.07
CA ILE A 20 33.22 6.71 11.72
C ILE A 20 31.85 6.29 11.21
N LEU A 21 31.58 6.60 9.94
CA LEU A 21 30.28 6.32 9.33
C LEU A 21 30.41 5.29 8.23
N GLY A 22 31.01 5.63 7.09
CA GLY A 22 31.18 4.71 5.98
C GLY A 22 32.64 4.41 5.74
N GLN A 23 32.92 3.16 5.35
CA GLN A 23 34.27 2.69 5.09
C GLN A 23 34.33 2.18 3.65
N GLY A 24 34.87 3.01 2.76
CA GLY A 24 35.01 2.67 1.36
C GLY A 24 36.43 2.25 1.00
N ALA A 25 36.61 1.97 -0.30
CA ALA A 25 37.92 1.57 -0.78
C ALA A 25 38.85 2.77 -0.88
N THR A 26 38.43 3.82 -1.57
CA THR A 26 39.28 4.98 -1.81
C THR A 26 39.26 6.01 -0.68
N ALA A 27 38.23 6.02 0.16
CA ALA A 27 38.08 7.05 1.17
C ALA A 27 37.36 6.48 2.39
N ASN A 28 37.22 7.33 3.41
CA ASN A 28 36.48 7.01 4.63
C ASN A 28 35.69 8.25 5.04
N VAL A 29 34.44 8.04 5.44
CA VAL A 29 33.54 9.12 5.83
C VAL A 29 33.44 9.16 7.34
N PHE A 30 33.80 10.30 7.93
CA PHE A 30 33.74 10.51 9.37
C PHE A 30 32.73 11.62 9.69
N ARG A 31 32.24 11.61 10.93
CA ARG A 31 31.41 12.69 11.44
C ARG A 31 32.32 13.81 11.93
N GLY A 32 32.29 14.96 11.24
CA GLY A 32 33.12 16.09 11.58
C GLY A 32 32.31 17.34 11.84
N ARG A 33 32.98 18.33 12.43
CA ARG A 33 32.38 19.62 12.73
C ARG A 33 33.24 20.73 12.15
N HIS A 34 32.63 21.89 11.97
CA HIS A 34 33.35 23.08 11.53
C HIS A 34 33.96 23.77 12.75
N LYS A 35 35.24 24.14 12.64
CA LYS A 35 35.96 24.66 13.80
C LYS A 35 35.35 25.97 14.30
N LYS A 36 34.78 26.77 13.40
CA LYS A 36 34.22 28.07 13.78
C LYS A 36 32.76 27.96 14.21
N THR A 37 31.89 27.50 13.30
CA THR A 37 30.46 27.49 13.56
C THR A 37 30.08 26.34 14.50
N GLY A 38 30.60 25.15 14.24
CA GLY A 38 30.19 23.97 14.98
C GLY A 38 29.08 23.17 14.33
N ASP A 39 28.86 23.36 13.03
CA ASP A 39 27.85 22.60 12.31
C ASP A 39 28.43 21.28 11.82
N LEU A 40 27.57 20.27 11.76
CA LEU A 40 28.00 18.92 11.41
C LEU A 40 28.15 18.76 9.90
N PHE A 41 29.23 18.08 9.50
CA PHE A 41 29.50 17.80 8.09
C PHE A 41 30.10 16.41 7.96
N ALA A 42 30.05 15.88 6.74
CA ALA A 42 30.65 14.60 6.42
C ALA A 42 32.05 14.83 5.86
N ILE A 43 33.03 14.17 6.47
CA ILE A 43 34.43 14.33 6.08
C ILE A 43 34.85 13.08 5.31
N LYS A 44 35.27 13.27 4.06
CA LYS A 44 35.73 12.17 3.20
C LYS A 44 37.25 12.29 3.07
N VAL A 45 37.96 11.65 4.00
CA VAL A 45 39.42 11.65 4.00
C VAL A 45 39.88 10.50 3.12
N PHE A 46 40.56 10.82 2.01
CA PHE A 46 40.93 9.82 1.03
C PHE A 46 42.10 8.98 1.53
N ASN A 47 41.95 7.66 1.46
CA ASN A 47 42.99 6.71 1.84
C ASN A 47 43.74 6.26 0.59
N ASN A 48 45.04 6.04 0.74
CA ASN A 48 45.87 5.57 -0.37
C ASN A 48 45.63 6.41 -1.62
N ILE A 49 46.20 7.62 -1.64
CA ILE A 49 46.07 8.53 -2.78
C ILE A 49 47.47 9.06 -3.07
N SER A 50 48.23 8.33 -3.88
CA SER A 50 49.61 8.68 -4.19
C SER A 50 49.92 8.39 -5.66
N PHE A 51 49.68 7.15 -6.09
CA PHE A 51 49.92 6.79 -7.48
C PHE A 51 49.00 7.53 -8.44
N LEU A 52 47.97 8.21 -7.94
CA LEU A 52 47.11 9.04 -8.76
C LEU A 52 47.44 10.50 -8.49
N ARG A 53 46.83 11.12 -7.49
CA ARG A 53 47.03 12.53 -7.13
C ARG A 53 47.02 13.42 -8.37
N PRO A 54 45.90 13.47 -9.12
CA PRO A 54 45.80 14.44 -10.23
C PRO A 54 45.21 15.78 -9.78
N VAL A 55 46.08 16.63 -9.23
CA VAL A 55 45.66 17.92 -8.69
C VAL A 55 45.31 18.87 -9.83
N ASP A 56 45.49 18.43 -11.08
CA ASP A 56 45.09 19.21 -12.25
C ASP A 56 43.69 18.83 -12.72
N VAL A 57 43.41 17.55 -12.83
CA VAL A 57 42.10 17.09 -13.31
C VAL A 57 41.06 17.16 -12.19
N GLN A 58 41.42 16.64 -11.01
CA GLN A 58 40.46 16.64 -9.91
C GLN A 58 40.15 18.03 -9.38
N MET A 59 41.03 19.01 -9.63
CA MET A 59 40.75 20.37 -9.20
C MET A 59 39.47 20.88 -9.85
N ARG A 60 39.45 20.94 -11.18
CA ARG A 60 38.25 21.40 -11.88
C ARG A 60 37.09 20.43 -11.72
N GLU A 61 37.37 19.14 -11.55
CA GLU A 61 36.30 18.16 -11.42
C GLU A 61 35.48 18.41 -10.16
N PHE A 62 36.15 18.50 -9.01
CA PHE A 62 35.42 18.69 -7.76
C PHE A 62 34.81 20.08 -7.69
N GLU A 63 35.42 21.06 -8.37
CA GLU A 63 34.80 22.37 -8.49
C GLU A 63 33.52 22.30 -9.30
N VAL A 64 33.42 21.34 -10.24
CA VAL A 64 32.18 21.15 -10.98
C VAL A 64 31.13 20.49 -10.10
N LEU A 65 31.52 19.46 -9.35
CA LEU A 65 30.61 18.82 -8.40
C LEU A 65 30.29 19.74 -7.23
N LYS A 66 31.08 20.78 -7.01
CA LYS A 66 30.79 21.73 -5.93
C LYS A 66 29.53 22.54 -6.24
N LYS A 67 29.50 23.20 -7.40
CA LYS A 67 28.35 24.04 -7.73
C LYS A 67 27.12 23.21 -8.06
N LEU A 68 27.29 21.92 -8.34
CA LEU A 68 26.16 21.03 -8.60
C LEU A 68 25.27 20.95 -7.36
N ASN A 69 24.05 21.48 -7.47
CA ASN A 69 23.13 21.54 -6.33
C ASN A 69 21.78 20.99 -6.75
N HIS A 70 21.21 20.14 -5.89
CA HIS A 70 19.89 19.58 -6.13
C HIS A 70 19.33 19.07 -4.81
N LYS A 71 18.01 18.98 -4.74
CA LYS A 71 17.37 18.47 -3.53
C LYS A 71 17.58 16.97 -3.35
N ASN A 72 17.84 16.24 -4.44
CA ASN A 72 18.02 14.80 -4.41
C ASN A 72 19.48 14.38 -4.60
N ILE A 73 20.42 15.25 -4.23
CA ILE A 73 21.84 14.96 -4.37
C ILE A 73 22.58 15.53 -3.16
N VAL A 74 23.45 14.71 -2.57
CA VAL A 74 24.24 15.16 -1.43
C VAL A 74 25.15 16.30 -1.87
N LYS A 75 25.11 17.40 -1.13
CA LYS A 75 25.84 18.61 -1.51
C LYS A 75 27.29 18.50 -1.06
N LEU A 76 28.21 18.82 -1.98
CA LEU A 76 29.63 18.89 -1.68
C LEU A 76 30.00 20.35 -1.46
N PHE A 77 30.40 20.67 -0.22
CA PHE A 77 30.62 22.08 0.14
C PHE A 77 32.02 22.55 -0.25
N ALA A 78 33.04 21.74 -0.01
CA ALA A 78 34.40 22.22 -0.19
C ALA A 78 35.36 21.04 -0.31
N ILE A 79 36.56 21.34 -0.81
CA ILE A 79 37.66 20.40 -0.89
C ILE A 79 38.85 21.02 -0.18
N GLU A 80 39.20 20.48 0.99
CA GLU A 80 40.28 20.99 1.80
C GLU A 80 41.35 19.90 1.97
N GLU A 81 42.46 20.29 2.58
CA GLU A 81 43.60 19.40 2.78
C GLU A 81 43.81 19.13 4.27
N GLU A 82 44.01 17.86 4.61
CA GLU A 82 44.25 17.49 6.00
C GLU A 82 45.52 18.18 6.50
N THR A 83 45.56 18.43 7.82
CA THR A 83 46.70 19.11 8.40
C THR A 83 47.96 18.27 8.28
N THR A 84 47.96 17.08 8.88
CA THR A 84 49.17 16.26 8.95
C THR A 84 49.37 15.44 7.68
N THR A 85 48.48 14.48 7.42
CA THR A 85 48.66 13.57 6.30
C THR A 85 48.56 14.26 4.94
N ARG A 86 48.15 15.53 4.91
CA ARG A 86 48.00 16.28 3.67
C ARG A 86 47.07 15.58 2.67
N HIS A 87 46.22 14.68 3.16
CA HIS A 87 45.22 14.06 2.30
C HIS A 87 44.14 15.06 1.95
N LYS A 88 43.69 15.03 0.69
CA LYS A 88 42.62 15.92 0.26
C LYS A 88 41.29 15.44 0.83
N VAL A 89 40.58 16.36 1.48
CA VAL A 89 39.35 16.05 2.21
C VAL A 89 38.18 16.66 1.46
N LEU A 90 37.08 15.91 1.37
CA LEU A 90 35.82 16.42 0.83
C LEU A 90 34.87 16.69 1.99
N ILE A 91 34.33 17.90 2.02
CA ILE A 91 33.36 18.31 3.04
C ILE A 91 31.98 18.24 2.40
N MET A 92 31.13 17.35 2.93
CA MET A 92 29.78 17.18 2.42
C MET A 92 28.79 17.43 3.54
N GLU A 93 27.52 17.52 3.16
CA GLU A 93 26.46 17.66 4.17
C GLU A 93 26.27 16.35 4.90
N PHE A 94 26.17 16.42 6.22
CA PHE A 94 25.92 15.26 7.03
C PHE A 94 24.45 14.87 6.91
N CYS A 95 24.21 13.59 6.63
CA CYS A 95 22.85 13.07 6.50
C CYS A 95 22.50 12.30 7.77
N PRO A 96 21.81 12.91 8.74
CA PRO A 96 21.67 12.29 10.06
C PRO A 96 21.04 10.90 10.08
N CYS A 97 20.27 10.51 9.06
CA CYS A 97 19.41 9.34 9.14
C CYS A 97 20.04 8.08 8.54
N GLY A 98 21.29 8.14 8.12
CA GLY A 98 21.92 6.96 7.55
C GLY A 98 21.64 6.83 6.06
N SER A 99 21.63 5.60 5.57
CA SER A 99 21.35 5.30 4.17
C SER A 99 20.07 4.47 4.07
N LEU A 100 19.64 4.22 2.82
CA LEU A 100 18.52 3.32 2.60
C LEU A 100 18.84 1.93 3.11
N TYR A 101 20.12 1.54 3.05
CA TYR A 101 20.53 0.26 3.63
C TYR A 101 20.20 0.20 5.11
N THR A 102 20.36 1.32 5.82
CA THR A 102 20.03 1.35 7.25
C THR A 102 18.53 1.20 7.46
N VAL A 103 17.72 1.76 6.56
CA VAL A 103 16.28 1.63 6.69
C VAL A 103 15.86 0.18 6.47
N LEU A 104 16.47 -0.48 5.48
CA LEU A 104 16.15 -1.89 5.22
C LEU A 104 16.64 -2.80 6.33
N GLU A 105 17.63 -2.36 7.12
CA GLU A 105 18.03 -3.11 8.30
C GLU A 105 16.89 -3.21 9.30
N GLU A 106 15.96 -2.25 9.28
CA GLU A 106 14.90 -2.24 10.26
C GLU A 106 13.94 -3.41 10.01
N PRO A 107 13.53 -4.14 11.06
CA PRO A 107 12.60 -5.25 10.85
C PRO A 107 11.24 -4.81 10.32
N SER A 108 10.78 -3.62 10.69
CA SER A 108 9.51 -3.12 10.15
C SER A 108 9.52 -3.12 8.64
N ASN A 109 10.70 -2.98 8.03
CA ASN A 109 10.86 -2.99 6.58
C ASN A 109 11.51 -4.26 6.08
N ALA A 110 11.49 -5.32 6.89
CA ALA A 110 12.07 -6.59 6.45
C ALA A 110 11.31 -7.17 5.27
N TYR A 111 10.02 -6.86 5.15
CA TYR A 111 9.18 -7.33 4.06
C TYR A 111 8.78 -6.21 3.11
N GLY A 112 9.53 -5.12 3.10
CA GLY A 112 9.24 -4.01 2.23
C GLY A 112 8.90 -2.74 2.97
N LEU A 113 9.26 -1.59 2.39
CA LEU A 113 8.95 -0.32 3.01
C LEU A 113 7.45 -0.07 3.00
N PRO A 114 6.97 0.83 3.84
CA PRO A 114 5.58 1.28 3.72
C PRO A 114 5.34 1.89 2.35
N GLU A 115 4.10 1.78 1.87
CA GLU A 115 3.77 2.25 0.53
C GLU A 115 4.10 3.73 0.37
N SER A 116 3.70 4.55 1.34
CA SER A 116 4.00 5.98 1.27
C SER A 116 5.50 6.23 1.22
N GLU A 117 6.25 5.57 2.10
CA GLU A 117 7.70 5.74 2.11
C GLU A 117 8.32 5.24 0.82
N PHE A 118 7.72 4.22 0.19
CA PHE A 118 8.25 3.72 -1.08
C PHE A 118 8.09 4.75 -2.19
N LEU A 119 6.98 5.49 -2.19
CA LEU A 119 6.79 6.54 -3.18
C LEU A 119 7.83 7.64 -3.03
N ILE A 120 8.24 7.94 -1.81
CA ILE A 120 9.27 8.95 -1.59
C ILE A 120 10.59 8.48 -2.18
N VAL A 121 10.94 7.21 -1.98
CA VAL A 121 12.20 6.68 -2.49
C VAL A 121 12.21 6.73 -4.01
N LEU A 122 11.14 6.25 -4.63
CA LEU A 122 11.08 6.20 -6.09
C LEU A 122 11.19 7.60 -6.68
N ARG A 123 10.49 8.58 -6.10
CA ARG A 123 10.48 9.93 -6.65
C ARG A 123 11.84 10.58 -6.53
N ASP A 124 12.47 10.48 -5.36
CA ASP A 124 13.76 11.14 -5.15
C ASP A 124 14.86 10.48 -5.99
N VAL A 125 14.86 9.15 -6.07
CA VAL A 125 15.87 8.45 -6.85
C VAL A 125 15.80 8.88 -8.32
N VAL A 126 14.58 8.90 -8.87
CA VAL A 126 14.41 9.27 -10.27
C VAL A 126 14.80 10.73 -10.50
N GLY A 127 14.39 11.61 -9.59
CA GLY A 127 14.75 13.02 -9.74
C GLY A 127 16.25 13.25 -9.66
N GLY A 128 16.92 12.58 -8.72
CA GLY A 128 18.37 12.71 -8.62
C GLY A 128 19.08 12.06 -9.79
N MET A 129 18.67 10.86 -10.16
CA MET A 129 19.31 10.16 -11.28
C MET A 129 19.08 10.92 -12.58
N ASN A 130 17.91 11.53 -12.75
CA ASN A 130 17.67 12.32 -13.95
C ASN A 130 18.52 13.58 -13.97
N HIS A 131 18.79 14.17 -12.80
CA HIS A 131 19.65 15.34 -12.75
C HIS A 131 21.08 14.98 -13.13
N LEU A 132 21.54 13.79 -12.74
CA LEU A 132 22.88 13.36 -13.13
C LEU A 132 22.95 13.04 -14.62
N ARG A 133 21.86 12.53 -15.20
CA ARG A 133 21.85 12.22 -16.62
C ARG A 133 21.93 13.49 -17.46
N GLU A 134 21.22 14.54 -17.05
CA GLU A 134 21.28 15.80 -17.78
C GLU A 134 22.68 16.39 -17.79
N ASN A 135 23.52 16.00 -16.84
CA ASN A 135 24.93 16.41 -16.82
C ASN A 135 25.84 15.40 -17.50
N GLY A 136 25.30 14.28 -17.99
CA GLY A 136 26.07 13.29 -18.72
C GLY A 136 26.76 12.25 -17.87
N ILE A 137 27.05 12.56 -16.60
CA ILE A 137 27.75 11.61 -15.74
C ILE A 137 26.87 10.39 -15.50
N VAL A 138 27.49 9.21 -15.58
CA VAL A 138 26.79 7.95 -15.41
C VAL A 138 27.20 7.36 -14.07
N HIS A 139 26.26 6.65 -13.44
CA HIS A 139 26.44 6.15 -12.08
C HIS A 139 26.78 4.66 -12.08
N ARG A 140 25.80 3.82 -12.42
CA ARG A 140 25.98 2.38 -12.54
C ARG A 140 26.09 1.68 -11.19
N ASP A 141 26.46 2.41 -10.13
CA ASP A 141 26.71 1.84 -8.82
C ASP A 141 25.61 2.13 -7.82
N ILE A 142 24.41 2.49 -8.29
CA ILE A 142 23.34 2.89 -7.38
C ILE A 142 22.95 1.71 -6.51
N LYS A 143 23.00 1.91 -5.19
CA LYS A 143 22.72 0.88 -4.21
C LYS A 143 22.13 1.56 -2.98
N PRO A 144 21.22 0.89 -2.25
CA PRO A 144 20.66 1.49 -1.03
C PRO A 144 21.72 1.95 -0.04
N GLY A 145 22.95 1.43 -0.15
CA GLY A 145 24.03 1.87 0.71
C GLY A 145 24.61 3.21 0.35
N ASN A 146 24.44 3.64 -0.90
CA ASN A 146 24.92 4.94 -1.36
C ASN A 146 23.75 5.87 -1.68
N ILE A 147 22.62 5.68 -1.01
CA ILE A 147 21.44 6.54 -1.14
C ILE A 147 21.10 7.01 0.26
N MET A 148 21.48 8.25 0.59
CA MET A 148 21.32 8.75 1.94
C MET A 148 19.91 9.29 2.16
N ARG A 149 19.55 9.43 3.43
CA ARG A 149 18.22 9.87 3.84
C ARG A 149 18.35 11.03 4.83
N VAL A 150 17.49 12.04 4.65
CA VAL A 150 17.38 13.15 5.58
C VAL A 150 15.91 13.44 5.80
N ILE A 151 15.62 14.21 6.85
CA ILE A 151 14.26 14.60 7.18
C ILE A 151 14.05 16.04 6.74
N GLY A 152 13.09 16.24 5.84
CA GLY A 152 12.80 17.57 5.34
C GLY A 152 12.08 18.43 6.37
N GLU A 153 11.94 19.71 6.03
CA GLU A 153 11.29 20.63 6.96
C GLU A 153 9.85 20.25 7.21
N ASP A 154 9.20 19.59 6.25
CA ASP A 154 7.82 19.16 6.40
C ASP A 154 7.67 17.83 7.13
N GLY A 155 8.78 17.20 7.55
CA GLY A 155 8.75 15.94 8.24
C GLY A 155 8.90 14.73 7.36
N GLN A 156 8.61 14.85 6.06
CA GLN A 156 8.74 13.72 5.15
C GLN A 156 10.20 13.50 4.78
N SER A 157 10.58 12.23 4.66
CA SER A 157 11.95 11.88 4.31
C SER A 157 12.33 12.47 2.97
N VAL A 158 13.63 12.70 2.79
CA VAL A 158 14.18 13.15 1.52
C VAL A 158 15.45 12.33 1.26
N TYR A 159 15.51 11.68 0.10
CA TYR A 159 16.61 10.81 -0.25
C TYR A 159 17.52 11.48 -1.26
N LYS A 160 18.82 11.23 -1.15
CA LYS A 160 19.83 11.90 -1.96
C LYS A 160 20.91 10.92 -2.37
N LEU A 161 21.61 11.24 -3.46
CA LEU A 161 22.68 10.44 -4.01
C LEU A 161 24.05 11.01 -3.61
N THR A 162 25.09 10.20 -3.78
CA THR A 162 26.42 10.65 -3.37
C THR A 162 27.58 9.94 -4.09
N ASP A 163 27.71 8.63 -3.92
CA ASP A 163 28.92 7.92 -4.33
C ASP A 163 28.88 7.64 -5.83
N PHE A 164 29.23 8.66 -6.61
CA PHE A 164 29.26 8.55 -8.06
C PHE A 164 30.43 9.37 -8.61
N GLY A 165 30.84 9.01 -9.82
CA GLY A 165 31.92 9.71 -10.48
C GLY A 165 33.30 9.25 -10.12
N ALA A 166 33.43 8.16 -9.37
CA ALA A 166 34.73 7.62 -8.97
C ALA A 166 35.26 6.57 -9.94
N ALA A 167 34.57 6.35 -11.06
CA ALA A 167 35.00 5.37 -12.05
C ALA A 167 35.90 5.97 -13.13
N ARG A 168 36.34 7.22 -12.96
CA ARG A 168 37.15 7.87 -13.97
C ARG A 168 38.59 7.39 -13.94
N GLU A 169 39.26 7.55 -12.80
CA GLU A 169 40.68 7.25 -12.71
C GLU A 169 40.98 5.84 -12.22
N LEU A 170 39.98 5.12 -11.71
CA LEU A 170 40.20 3.74 -11.29
C LEU A 170 40.52 2.85 -12.48
N GLY A 181 29.49 -1.38 -9.86
CA GLY A 181 28.30 -2.05 -9.37
C GLY A 181 28.60 -3.04 -8.26
N THR A 182 27.69 -3.13 -7.29
CA THR A 182 27.83 -4.10 -6.22
C THR A 182 27.47 -5.48 -6.73
N GLU A 183 28.15 -6.49 -6.18
CA GLU A 183 28.06 -7.85 -6.73
C GLU A 183 26.61 -8.31 -6.87
N GLU A 184 25.74 -7.92 -5.93
CA GLU A 184 24.34 -8.29 -6.02
C GLU A 184 23.55 -7.39 -6.98
N TYR A 185 24.10 -6.23 -7.33
CA TYR A 185 23.43 -5.28 -8.20
C TYR A 185 24.11 -5.17 -9.56
N LEU A 186 24.99 -6.12 -9.91
CA LEU A 186 25.73 -6.06 -11.15
C LEU A 186 24.85 -6.47 -12.33
N HIS A 187 25.20 -5.96 -13.51
CA HIS A 187 24.51 -6.29 -14.75
C HIS A 187 25.07 -7.60 -15.31
N PRO A 188 24.22 -8.46 -15.89
CA PRO A 188 24.72 -9.75 -16.40
C PRO A 188 25.97 -9.65 -17.26
N ASP A 189 25.97 -8.78 -18.27
CA ASP A 189 27.14 -8.64 -19.12
C ASP A 189 28.27 -7.92 -18.41
N MET A 190 27.94 -7.02 -17.47
CA MET A 190 28.95 -6.35 -16.65
C MET A 190 29.37 -7.16 -15.44
N TYR A 191 28.72 -8.30 -15.20
CA TYR A 191 29.04 -9.12 -14.03
C TYR A 191 30.43 -9.72 -14.13
N GLU A 192 30.75 -10.33 -15.27
CA GLU A 192 32.04 -10.99 -15.44
C GLU A 192 33.17 -9.97 -15.41
N GLY A 205 26.68 0.95 -23.31
CA GLY A 205 25.24 0.93 -23.16
C GLY A 205 24.75 1.48 -21.84
N ALA A 206 23.54 2.03 -21.83
CA ALA A 206 22.92 2.56 -20.62
C ALA A 206 22.08 1.53 -19.88
N THR A 207 22.04 0.29 -20.34
CA THR A 207 21.26 -0.73 -19.65
C THR A 207 21.86 -1.08 -18.29
N VAL A 208 23.19 -0.97 -18.15
CA VAL A 208 23.84 -1.27 -16.87
C VAL A 208 23.31 -0.35 -15.78
N ASP A 209 22.87 0.84 -16.14
CA ASP A 209 22.27 1.76 -15.16
C ASP A 209 20.98 1.17 -14.61
N LEU A 210 19.96 1.07 -15.48
CA LEU A 210 18.63 0.68 -15.03
C LEU A 210 18.61 -0.66 -14.31
N TRP A 211 19.60 -1.52 -14.52
CA TRP A 211 19.62 -2.81 -13.84
C TRP A 211 19.69 -2.63 -12.33
N SER A 212 20.75 -1.97 -11.84
CA SER A 212 20.88 -1.74 -10.41
C SER A 212 19.68 -0.99 -9.86
N ILE A 213 19.07 -0.13 -10.68
CA ILE A 213 17.90 0.62 -10.22
C ILE A 213 16.74 -0.34 -9.97
N GLY A 214 16.50 -1.27 -10.88
CA GLY A 214 15.43 -2.23 -10.69
C GLY A 214 15.67 -3.14 -9.50
N VAL A 215 16.92 -3.61 -9.34
CA VAL A 215 17.25 -4.41 -8.16
C VAL A 215 16.99 -3.61 -6.89
N THR A 216 17.28 -2.31 -6.93
CA THR A 216 17.03 -1.46 -5.76
C THR A 216 15.55 -1.33 -5.48
N PHE A 217 14.74 -1.07 -6.52
CA PHE A 217 13.32 -0.86 -6.32
C PHE A 217 12.63 -2.13 -5.84
N TYR A 218 13.01 -3.29 -6.39
CA TYR A 218 12.48 -4.55 -5.87
C TYR A 218 12.87 -4.75 -4.42
N HIS A 219 14.07 -4.31 -4.04
CA HIS A 219 14.54 -4.48 -2.68
C HIS A 219 13.75 -3.64 -1.69
N ALA A 220 13.28 -2.47 -2.12
CA ALA A 220 12.51 -1.59 -1.24
C ALA A 220 11.06 -2.06 -1.11
N ALA A 221 10.52 -2.72 -2.14
CA ALA A 221 9.14 -3.18 -2.09
C ALA A 221 9.03 -4.53 -1.38
N THR A 222 9.93 -5.47 -1.69
CA THR A 222 9.86 -6.80 -1.11
C THR A 222 10.57 -6.90 0.22
N GLY A 223 11.63 -6.12 0.42
CA GLY A 223 12.50 -6.31 1.56
C GLY A 223 13.58 -7.34 1.34
N SER A 224 13.73 -7.87 0.13
CA SER A 224 14.72 -8.88 -0.18
C SER A 224 15.21 -8.65 -1.60
N LEU A 225 16.28 -9.37 -1.98
CA LEU A 225 16.87 -9.19 -3.29
C LEU A 225 16.08 -9.96 -4.34
N PRO A 226 16.11 -9.51 -5.60
CA PRO A 226 15.34 -10.22 -6.64
C PRO A 226 15.81 -11.65 -6.89
N PHE A 227 17.09 -11.85 -7.13
CA PHE A 227 17.64 -13.16 -7.50
C PHE A 227 18.50 -13.66 -6.34
N ARG A 228 18.06 -14.76 -5.73
CA ARG A 228 18.70 -15.31 -4.54
C ARG A 228 19.01 -16.78 -4.72
N PRO A 229 20.30 -17.18 -4.76
CA PRO A 229 20.62 -18.60 -4.61
C PRO A 229 20.32 -19.07 -3.19
N PHE A 230 20.41 -20.39 -2.99
CA PHE A 230 20.11 -20.95 -1.67
C PHE A 230 21.19 -20.57 -0.66
N GLU A 231 22.46 -20.81 -1.02
CA GLU A 231 23.55 -20.48 -0.09
C GLU A 231 23.75 -18.98 0.01
N GLY A 232 23.82 -18.29 -1.12
CA GLY A 232 23.96 -16.85 -1.14
C GLY A 232 25.16 -16.39 -1.95
N PRO A 233 25.57 -15.13 -1.76
CA PRO A 233 26.74 -14.59 -2.47
C PRO A 233 28.08 -15.06 -1.90
N ARG A 234 28.51 -16.24 -2.34
CA ARG A 234 29.73 -16.86 -1.85
C ARG A 234 30.39 -17.56 -3.03
N ARG A 235 31.28 -18.53 -2.73
CA ARG A 235 31.84 -19.36 -3.79
C ARG A 235 30.79 -20.22 -4.46
N ASN A 236 29.63 -20.39 -3.82
CA ASN A 236 28.48 -21.06 -4.44
C ASN A 236 27.57 -20.07 -5.17
N LYS A 237 28.05 -18.86 -5.43
CA LYS A 237 27.32 -17.87 -6.21
C LYS A 237 27.38 -18.15 -7.70
N GLU A 238 27.90 -19.31 -8.10
CA GLU A 238 27.90 -19.68 -9.50
C GLU A 238 26.47 -19.82 -10.03
N VAL A 239 25.55 -20.29 -9.19
CA VAL A 239 24.15 -20.39 -9.58
C VAL A 239 23.60 -19.01 -9.91
N MET A 240 23.98 -18.00 -9.12
CA MET A 240 23.49 -16.64 -9.35
C MET A 240 23.71 -16.21 -10.79
N TYR A 241 24.93 -16.38 -11.31
CA TYR A 241 25.22 -15.94 -12.67
C TYR A 241 24.34 -16.65 -13.68
N LYS A 242 23.97 -17.90 -13.42
CA LYS A 242 23.03 -18.58 -14.30
C LYS A 242 21.63 -17.99 -14.18
N ILE A 243 21.24 -17.56 -12.98
CA ILE A 243 19.94 -16.91 -12.80
C ILE A 243 19.89 -15.60 -13.58
N ILE A 244 20.93 -14.79 -13.43
CA ILE A 244 20.95 -13.47 -14.09
C ILE A 244 20.96 -13.64 -15.60
N THR A 245 21.83 -14.53 -16.10
CA THR A 245 21.87 -14.79 -17.53
C THR A 245 20.63 -15.53 -18.03
N GLY A 246 19.84 -16.11 -17.13
CA GLY A 246 18.61 -16.76 -17.55
C GLY A 246 17.60 -15.77 -18.11
N LYS A 247 17.33 -14.70 -17.36
CA LYS A 247 16.44 -13.62 -17.75
C LYS A 247 15.22 -14.14 -18.53
N PRO A 248 14.42 -15.00 -17.92
CA PRO A 248 13.27 -15.57 -18.66
C PRO A 248 12.13 -14.56 -18.76
N SER A 249 11.82 -14.15 -19.98
CA SER A 249 10.63 -13.33 -20.28
C SER A 249 10.71 -12.04 -19.45
N GLY A 250 9.61 -11.62 -18.83
CA GLY A 250 9.62 -10.45 -17.99
C GLY A 250 9.55 -10.79 -16.52
N ALA A 251 10.22 -11.88 -16.14
CA ALA A 251 10.30 -12.27 -14.75
C ALA A 251 11.19 -11.28 -13.99
N ILE A 252 10.73 -10.88 -12.80
CA ILE A 252 11.43 -9.88 -12.00
C ILE A 252 12.21 -10.51 -10.85
N SER A 253 12.11 -11.82 -10.66
CA SER A 253 12.79 -12.47 -9.54
C SER A 253 12.88 -13.95 -9.81
N GLY A 254 13.88 -14.58 -9.19
CA GLY A 254 14.09 -16.02 -9.28
C GLY A 254 14.92 -16.56 -8.14
N VAL A 255 14.36 -17.48 -7.36
CA VAL A 255 14.99 -17.94 -6.13
C VAL A 255 14.89 -19.45 -6.04
N GLN A 256 16.00 -20.11 -5.76
CA GLN A 256 16.02 -21.54 -5.48
C GLN A 256 15.85 -21.76 -3.98
N LYS A 257 14.91 -22.62 -3.60
CA LYS A 257 14.60 -22.88 -2.20
C LYS A 257 15.39 -24.03 -1.62
N ALA A 258 16.23 -24.70 -2.42
CA ALA A 258 17.01 -25.83 -1.95
C ALA A 258 18.41 -25.77 -2.58
N GLU A 259 19.35 -26.44 -1.92
CA GLU A 259 20.73 -26.41 -2.37
C GLU A 259 20.86 -27.02 -3.75
N ASN A 260 21.34 -26.23 -4.71
CA ASN A 260 21.53 -26.69 -6.08
C ASN A 260 20.24 -27.26 -6.66
N GLY A 261 19.13 -26.58 -6.38
CA GLY A 261 17.83 -27.02 -6.85
C GLY A 261 17.30 -26.13 -7.96
N PRO A 262 16.05 -26.36 -8.35
CA PRO A 262 15.44 -25.52 -9.40
C PRO A 262 15.19 -24.11 -8.91
N ILE A 263 14.89 -23.24 -9.87
CA ILE A 263 14.71 -21.81 -9.61
C ILE A 263 13.22 -21.49 -9.72
N ASP A 264 12.67 -20.89 -8.66
CA ASP A 264 11.27 -20.48 -8.61
C ASP A 264 11.14 -19.08 -9.21
N TRP A 265 10.58 -19.00 -10.40
CA TRP A 265 10.43 -17.73 -11.11
C TRP A 265 9.05 -17.14 -10.86
N SER A 266 8.97 -15.81 -11.00
CA SER A 266 7.71 -15.10 -10.80
C SER A 266 7.82 -13.72 -11.42
N GLY A 267 6.80 -13.31 -12.16
CA GLY A 267 6.77 -11.99 -12.76
C GLY A 267 5.85 -11.05 -12.01
N ASP A 268 5.64 -11.31 -10.73
CA ASP A 268 4.75 -10.52 -9.90
C ASP A 268 5.39 -10.33 -8.53
N MET A 269 4.72 -9.56 -7.67
CA MET A 269 5.24 -9.26 -6.35
C MET A 269 4.83 -10.34 -5.35
N PRO A 270 5.60 -10.51 -4.28
CA PRO A 270 5.23 -11.48 -3.26
C PRO A 270 4.01 -11.05 -2.47
N VAL A 271 3.41 -12.01 -1.78
CA VAL A 271 2.21 -11.73 -1.01
C VAL A 271 2.55 -10.88 0.22
N SER A 272 3.73 -11.10 0.81
CA SER A 272 4.14 -10.32 1.97
C SER A 272 4.38 -8.86 1.64
N CYS A 273 4.36 -8.48 0.37
CA CYS A 273 4.62 -7.11 -0.01
C CYS A 273 3.59 -6.17 0.62
N SER A 274 4.07 -5.15 1.32
CA SER A 274 3.21 -4.20 1.99
C SER A 274 2.52 -3.24 1.03
N LEU A 275 2.84 -3.31 -0.27
CA LEU A 275 2.26 -2.38 -1.23
C LEU A 275 0.82 -2.77 -1.56
N SER A 276 0.07 -1.77 -2.03
CA SER A 276 -1.30 -1.98 -2.46
C SER A 276 -1.32 -2.66 -3.83
N ARG A 277 -2.46 -3.28 -4.14
CA ARG A 277 -2.56 -4.02 -5.40
C ARG A 277 -2.51 -3.08 -6.60
N GLY A 278 -3.13 -1.90 -6.48
CA GLY A 278 -3.11 -0.97 -7.59
C GLY A 278 -1.71 -0.53 -7.97
N LEU A 279 -0.83 -0.40 -6.98
CA LEU A 279 0.54 0.04 -7.25
C LEU A 279 1.35 -1.07 -7.93
N GLN A 280 1.18 -2.32 -7.48
CA GLN A 280 1.94 -3.42 -8.05
C GLN A 280 1.67 -3.55 -9.55
N VAL A 281 0.42 -3.30 -9.97
CA VAL A 281 0.08 -3.41 -11.39
C VAL A 281 0.89 -2.43 -12.22
N LEU A 282 1.18 -1.26 -11.66
CA LEU A 282 1.97 -0.26 -12.38
C LEU A 282 3.47 -0.49 -12.23
N LEU A 283 3.90 -1.03 -11.09
CA LEU A 283 5.32 -1.24 -10.84
C LEU A 283 5.86 -2.48 -11.55
N THR A 284 5.03 -3.51 -11.71
CA THR A 284 5.52 -4.76 -12.30
C THR A 284 6.07 -4.55 -13.70
N PRO A 285 5.39 -3.87 -14.63
CA PRO A 285 5.97 -3.70 -15.96
C PRO A 285 7.23 -2.88 -15.98
N VAL A 286 7.37 -1.91 -15.06
CA VAL A 286 8.57 -1.07 -15.03
C VAL A 286 9.79 -1.93 -14.75
N LEU A 287 9.73 -2.74 -13.70
CA LEU A 287 10.89 -3.56 -13.32
C LEU A 287 11.15 -4.66 -14.34
N ALA A 288 10.11 -5.15 -15.02
CA ALA A 288 10.30 -6.25 -15.95
C ALA A 288 11.02 -5.81 -17.23
N ASN A 289 10.81 -4.55 -17.65
CA ASN A 289 11.43 -4.06 -18.87
C ASN A 289 12.84 -3.55 -18.66
N ILE A 290 13.22 -3.23 -17.42
CA ILE A 290 14.56 -2.71 -17.14
C ILE A 290 15.49 -3.78 -16.60
N LEU A 291 15.01 -5.02 -16.43
CA LEU A 291 15.80 -6.12 -15.88
C LEU A 291 15.94 -7.19 -16.95
N GLU A 292 16.98 -7.04 -17.77
CA GLU A 292 17.34 -8.06 -18.76
C GLU A 292 18.63 -7.66 -19.45
N ALA A 293 19.42 -8.66 -19.86
CA ALA A 293 20.71 -8.36 -20.49
C ALA A 293 20.54 -7.77 -21.87
N ASP A 294 19.47 -8.12 -22.57
CA ASP A 294 19.27 -7.66 -23.94
C ASP A 294 18.88 -6.19 -23.95
N GLN A 295 19.64 -5.38 -24.70
CA GLN A 295 19.21 -4.02 -24.97
C GLN A 295 18.08 -3.96 -25.99
N GLU A 296 17.63 -5.11 -26.49
CA GLU A 296 16.55 -5.12 -27.48
C GLU A 296 15.25 -4.65 -26.85
N LYS A 297 14.83 -5.30 -25.77
CA LYS A 297 13.59 -4.97 -25.09
C LYS A 297 13.79 -4.03 -23.90
N CYS A 298 15.04 -3.70 -23.56
CA CYS A 298 15.32 -2.86 -22.41
C CYS A 298 15.04 -1.40 -22.74
N TRP A 299 14.51 -0.68 -21.76
CA TRP A 299 14.14 0.71 -21.94
C TRP A 299 15.37 1.62 -21.91
N GLY A 300 15.19 2.83 -22.45
CA GLY A 300 16.17 3.88 -22.29
C GLY A 300 15.83 4.78 -21.12
N PHE A 301 16.70 5.77 -20.89
CA PHE A 301 16.46 6.69 -19.79
C PHE A 301 15.20 7.51 -20.00
N ASP A 302 14.82 7.76 -21.26
CA ASP A 302 13.59 8.49 -21.53
C ASP A 302 12.36 7.61 -21.29
N GLN A 303 12.37 6.40 -21.84
CA GLN A 303 11.29 5.46 -21.57
C GLN A 303 11.10 5.24 -20.08
N PHE A 304 12.20 5.04 -19.36
CA PHE A 304 12.13 4.86 -17.91
C PHE A 304 11.55 6.10 -17.24
N PHE A 305 12.10 7.27 -17.57
CA PHE A 305 11.63 8.50 -16.93
C PHE A 305 10.18 8.79 -17.29
N ALA A 306 9.73 8.40 -18.49
CA ALA A 306 8.36 8.66 -18.90
C ALA A 306 7.38 7.84 -18.09
N GLU A 307 7.61 6.53 -17.99
CA GLU A 307 6.67 5.66 -17.30
C GLU A 307 6.70 5.91 -15.79
N THR A 308 7.88 6.17 -15.23
CA THR A 308 7.98 6.40 -13.80
C THR A 308 7.29 7.69 -13.40
N SER A 309 7.66 8.81 -14.05
CA SER A 309 7.00 10.08 -13.73
C SER A 309 5.50 10.00 -13.93
N ASP A 310 5.04 9.15 -14.86
CA ASP A 310 3.61 8.94 -15.04
C ASP A 310 2.99 8.38 -13.77
N ILE A 311 3.65 7.43 -13.12
CA ILE A 311 3.11 6.82 -11.91
C ILE A 311 3.08 7.84 -10.78
N LEU A 312 4.12 8.68 -10.68
CA LEU A 312 4.20 9.62 -9.58
C LEU A 312 3.12 10.70 -9.67
N HIS A 313 2.74 11.08 -10.90
CA HIS A 313 1.76 12.15 -11.07
C HIS A 313 0.36 11.74 -10.64
N ARG A 314 0.09 10.44 -10.55
CA ARG A 314 -1.25 9.97 -10.21
C ARG A 314 -1.56 10.22 -8.74
N MET A 315 -2.84 10.41 -8.44
CA MET A 315 -3.33 10.58 -7.08
C MET A 315 -3.86 9.23 -6.57
N VAL A 316 -4.34 9.23 -5.33
CA VAL A 316 -4.77 8.01 -4.66
C VAL A 316 -6.28 8.05 -4.47
N ILE A 317 -6.93 6.92 -4.74
CA ILE A 317 -8.36 6.77 -4.55
C ILE A 317 -8.56 5.56 -3.63
N HIS A 318 -9.05 5.81 -2.43
CA HIS A 318 -9.25 4.75 -1.44
C HIS A 318 -10.67 4.19 -1.60
N VAL A 319 -10.76 2.88 -1.82
CA VAL A 319 -12.02 2.21 -2.08
C VAL A 319 -12.06 0.92 -1.28
N PHE A 320 -13.13 0.74 -0.50
CA PHE A 320 -13.33 -0.48 0.29
C PHE A 320 -14.54 -1.22 -0.27
N SER A 321 -14.30 -2.39 -0.85
CA SER A 321 -15.36 -3.21 -1.41
C SER A 321 -15.96 -4.07 -0.31
N LEU A 322 -17.21 -3.77 0.07
CA LEU A 322 -17.86 -4.56 1.11
C LEU A 322 -18.13 -5.99 0.65
N GLN A 323 -18.35 -6.19 -0.66
CA GLN A 323 -18.65 -7.53 -1.15
C GLN A 323 -17.53 -8.49 -0.83
N GLN A 324 -16.29 -8.12 -1.15
CA GLN A 324 -15.13 -8.97 -0.88
C GLN A 324 -14.47 -8.65 0.46
N MET A 325 -14.87 -7.59 1.13
CA MET A 325 -14.20 -7.14 2.36
C MET A 325 -12.73 -6.82 2.08
N THR A 326 -12.49 -6.10 1.00
CA THR A 326 -11.13 -5.79 0.55
C THR A 326 -11.02 -4.30 0.30
N ALA A 327 -9.95 -3.70 0.82
CA ALA A 327 -9.61 -2.31 0.53
C ALA A 327 -8.71 -2.25 -0.70
N HIS A 328 -8.84 -1.16 -1.45
CA HIS A 328 -8.13 -1.01 -2.71
C HIS A 328 -7.64 0.43 -2.86
N LYS A 329 -6.50 0.58 -3.54
CA LYS A 329 -5.94 1.88 -3.88
C LYS A 329 -5.82 1.96 -5.39
N ILE A 330 -6.67 2.77 -6.02
CA ILE A 330 -6.69 2.91 -7.47
C ILE A 330 -5.94 4.18 -7.83
N TYR A 331 -4.89 4.03 -8.65
CA TYR A 331 -4.05 5.14 -9.07
C TYR A 331 -4.58 5.74 -10.36
N ILE A 332 -5.02 7.00 -10.31
CA ILE A 332 -5.60 7.69 -11.45
C ILE A 332 -5.01 9.09 -11.53
N HIS A 333 -4.81 9.58 -12.75
CA HIS A 333 -4.42 10.96 -12.95
C HIS A 333 -5.58 11.89 -12.58
N SER A 334 -5.23 13.12 -12.20
CA SER A 334 -6.24 14.07 -11.74
C SER A 334 -7.15 14.54 -12.87
N TYR A 335 -6.68 14.49 -14.12
CA TYR A 335 -7.46 14.95 -15.27
C TYR A 335 -8.31 13.86 -15.88
N ASN A 336 -8.27 12.64 -15.37
CA ASN A 336 -9.06 11.56 -15.93
C ASN A 336 -10.51 11.66 -15.46
N THR A 337 -11.38 10.94 -16.16
CA THR A 337 -12.80 10.94 -15.90
C THR A 337 -13.20 9.79 -14.99
N ALA A 338 -14.47 9.77 -14.59
CA ALA A 338 -14.99 8.67 -13.79
C ALA A 338 -15.20 7.39 -14.60
N THR A 339 -15.07 7.47 -15.93
CA THR A 339 -15.19 6.26 -16.75
C THR A 339 -13.94 5.40 -16.63
N ILE A 340 -12.75 6.02 -16.71
CA ILE A 340 -11.52 5.28 -16.48
C ILE A 340 -11.46 4.79 -15.04
N PHE A 341 -12.08 5.54 -14.13
CA PHE A 341 -12.11 5.13 -12.72
C PHE A 341 -12.90 3.84 -12.53
N HIS A 342 -14.09 3.76 -13.13
CA HIS A 342 -14.87 2.53 -13.03
C HIS A 342 -14.13 1.35 -13.67
N GLU A 343 -13.39 1.61 -14.75
CA GLU A 343 -12.66 0.54 -15.43
C GLU A 343 -11.57 -0.04 -14.54
N LEU A 344 -10.78 0.83 -13.91
CA LEU A 344 -9.72 0.36 -13.04
C LEU A 344 -10.28 -0.36 -11.81
N VAL A 345 -11.39 0.14 -11.27
CA VAL A 345 -12.04 -0.54 -10.15
C VAL A 345 -12.48 -1.94 -10.58
N TYR A 346 -12.94 -2.08 -11.82
CA TYR A 346 -13.32 -3.40 -12.32
C TYR A 346 -12.11 -4.32 -12.40
N LYS A 347 -10.93 -3.77 -12.72
CA LYS A 347 -9.74 -4.61 -12.84
C LYS A 347 -9.32 -5.21 -11.50
N GLN A 348 -9.63 -4.54 -10.40
CA GLN A 348 -9.24 -4.99 -9.07
C GLN A 348 -10.38 -5.69 -8.33
N THR A 349 -11.60 -5.16 -8.42
CA THR A 349 -12.75 -5.73 -7.72
C THR A 349 -13.60 -6.63 -8.60
N LYS A 350 -13.37 -6.64 -9.92
CA LYS A 350 -14.13 -7.47 -10.84
C LYS A 350 -15.62 -7.15 -10.77
N ILE A 351 -15.92 -5.85 -10.76
CA ILE A 351 -17.30 -5.36 -10.70
C ILE A 351 -17.56 -4.57 -11.98
N ILE A 352 -18.70 -4.86 -12.62
CA ILE A 352 -19.04 -4.17 -13.85
C ILE A 352 -19.26 -2.69 -13.55
N SER A 353 -18.87 -1.84 -14.50
CA SER A 353 -18.94 -0.40 -14.28
C SER A 353 -20.34 0.06 -13.94
N SER A 354 -21.36 -0.56 -14.56
CA SER A 354 -22.74 -0.20 -14.27
C SER A 354 -23.24 -0.76 -12.96
N ASN A 355 -22.53 -1.72 -12.36
CA ASN A 355 -22.90 -2.31 -11.09
C ASN A 355 -22.19 -1.69 -9.90
N GLN A 356 -21.20 -0.82 -10.15
CA GLN A 356 -20.46 -0.18 -9.06
C GLN A 356 -21.30 0.95 -8.48
N GLU A 357 -21.58 0.87 -7.18
CA GLU A 357 -22.39 1.86 -6.48
C GLU A 357 -21.58 2.39 -5.30
N LEU A 358 -21.47 3.71 -5.22
CA LEU A 358 -20.56 4.37 -4.28
C LEU A 358 -21.32 4.90 -3.08
N ILE A 359 -20.67 4.84 -1.92
CA ILE A 359 -21.19 5.38 -0.66
C ILE A 359 -20.08 6.17 0.01
N TYR A 360 -20.43 7.32 0.57
CA TYR A 360 -19.44 8.20 1.21
C TYR A 360 -20.10 8.95 2.35
N GLU A 361 -19.52 8.83 3.54
CA GLU A 361 -19.96 9.58 4.72
C GLU A 361 -21.45 9.38 4.99
N GLY A 362 -21.90 8.12 4.92
CA GLY A 362 -23.24 7.77 5.29
C GLY A 362 -24.27 7.92 4.18
N ARG A 363 -23.90 8.49 3.05
CA ARG A 363 -24.81 8.71 1.94
C ARG A 363 -24.20 8.22 0.65
N ARG A 364 -25.05 7.78 -0.27
CA ARG A 364 -24.58 7.43 -1.60
C ARG A 364 -24.14 8.68 -2.34
N LEU A 365 -23.27 8.49 -3.33
CA LEU A 365 -22.75 9.59 -4.13
C LEU A 365 -22.80 9.20 -5.59
N VAL A 366 -23.49 10.00 -6.39
CA VAL A 366 -23.61 9.77 -7.82
C VAL A 366 -22.48 10.50 -8.53
N LEU A 367 -21.75 9.80 -9.39
CA LEU A 367 -20.60 10.34 -10.09
C LEU A 367 -20.89 10.37 -11.59
N GLU A 368 -20.77 11.55 -12.19
CA GLU A 368 -21.00 11.68 -13.61
C GLU A 368 -19.88 10.99 -14.40
N PRO A 369 -20.20 10.39 -15.54
CA PRO A 369 -19.17 9.67 -16.30
C PRO A 369 -18.00 10.54 -16.73
N GLY A 370 -18.13 11.86 -16.72
CA GLY A 370 -17.07 12.73 -17.20
C GLY A 370 -16.49 13.63 -16.13
N ARG A 371 -16.69 13.29 -14.86
CA ARG A 371 -16.21 14.11 -13.77
C ARG A 371 -14.73 13.90 -13.56
N LEU A 372 -13.98 15.00 -13.47
CA LEU A 372 -12.53 14.92 -13.29
C LEU A 372 -12.19 14.43 -11.89
N ALA A 373 -10.98 13.88 -11.76
CA ALA A 373 -10.52 13.36 -10.48
C ALA A 373 -10.12 14.48 -9.52
N GLN A 374 -9.88 15.69 -10.00
CA GLN A 374 -9.53 16.79 -9.11
C GLN A 374 -10.66 17.11 -8.15
N HIS A 375 -11.91 16.93 -8.58
CA HIS A 375 -13.07 17.33 -7.81
C HIS A 375 -13.66 16.20 -6.98
N PHE A 376 -12.95 15.09 -6.84
CA PHE A 376 -13.43 13.99 -6.01
C PHE A 376 -13.37 14.39 -4.54
N PRO A 377 -14.20 13.78 -3.70
CA PRO A 377 -14.17 14.11 -2.28
C PRO A 377 -12.88 13.66 -1.62
N LYS A 378 -12.64 14.19 -0.42
CA LYS A 378 -11.45 13.84 0.34
C LYS A 378 -11.58 12.42 0.88
N THR A 379 -10.59 11.58 0.59
CA THR A 379 -10.63 10.17 0.95
C THR A 379 -9.31 9.72 1.56
N THR A 380 -9.40 8.86 2.56
CA THR A 380 -8.24 8.23 3.20
C THR A 380 -8.46 6.73 3.26
N GLU A 381 -7.40 5.99 3.60
CA GLU A 381 -7.54 4.55 3.75
C GLU A 381 -8.43 4.19 4.94
N GLU A 382 -8.58 5.09 5.91
CA GLU A 382 -9.47 4.91 7.04
C GLU A 382 -10.81 5.59 6.83
N ASN A 383 -11.02 6.26 5.70
CA ASN A 383 -12.31 6.83 5.33
C ASN A 383 -12.43 6.81 3.82
N PRO A 384 -12.62 5.62 3.23
CA PRO A 384 -12.63 5.51 1.77
C PRO A 384 -14.02 5.64 1.17
N ILE A 385 -14.16 5.25 -0.09
CA ILE A 385 -15.45 5.17 -0.77
C ILE A 385 -15.86 3.71 -0.83
N PHE A 386 -16.96 3.37 -0.17
CA PHE A 386 -17.44 2.00 -0.18
C PHE A 386 -18.08 1.65 -1.52
N VAL A 387 -18.03 0.37 -1.87
CA VAL A 387 -18.57 -0.13 -3.13
C VAL A 387 -19.53 -1.27 -2.82
N VAL A 388 -20.79 -1.11 -3.21
CA VAL A 388 -21.79 -2.17 -3.10
C VAL A 388 -22.23 -2.54 -4.51
N SER A 389 -22.58 -3.81 -4.70
CA SER A 389 -22.90 -4.34 -6.01
C SER A 389 -24.23 -5.08 -5.97
N ARG A 390 -24.95 -5.03 -7.08
CA ARG A 390 -26.20 -5.78 -7.19
C ARG A 390 -25.91 -7.28 -7.29
N GLU A 391 -24.87 -7.65 -8.05
CA GLU A 391 -24.57 -9.06 -8.28
C GLU A 391 -23.89 -9.66 -7.05
N PRO A 392 -24.21 -10.91 -6.69
CA PRO A 392 -23.53 -11.54 -5.56
C PRO A 392 -22.05 -11.73 -5.86
N LEU A 393 -21.23 -11.53 -4.82
CA LEU A 393 -19.78 -11.70 -4.93
C LEU A 393 -19.25 -12.32 -3.65
N ASN A 394 -18.27 -13.20 -3.79
CA ASN A 394 -17.70 -13.90 -2.65
C ASN A 394 -16.89 -12.93 -1.78
N THR A 395 -16.84 -13.23 -0.49
CA THR A 395 -16.06 -12.46 0.47
C THR A 395 -14.66 -13.04 0.54
N ILE A 396 -13.67 -12.31 0.05
CA ILE A 396 -12.29 -12.77 0.05
C ILE A 396 -11.59 -12.41 1.35
N GLY A 397 -11.71 -11.18 1.79
CA GLY A 397 -10.99 -10.70 2.96
C GLY A 397 -9.55 -10.37 2.61
N LEU A 398 -8.75 -10.19 3.67
CA LEU A 398 -7.35 -9.88 3.49
C LEU A 398 -6.58 -11.12 3.08
N ILE A 399 -5.73 -10.98 2.07
CA ILE A 399 -4.89 -12.05 1.56
C ILE A 399 -3.45 -11.72 1.93
N TYR A 400 -2.89 -12.45 2.89
CA TYR A 400 -1.55 -12.22 3.40
C TYR A 400 -0.79 -13.54 3.46
N GLU A 401 0.52 -13.42 3.63
CA GLU A 401 1.41 -14.58 3.66
C GLU A 401 1.57 -15.05 5.10
N LYS A 402 1.13 -16.28 5.38
CA LYS A 402 1.30 -16.86 6.70
C LYS A 402 2.76 -17.27 6.88
N ILE A 403 3.43 -16.63 7.85
CA ILE A 403 4.85 -16.83 8.10
C ILE A 403 5.03 -17.19 9.57
N SER A 404 5.75 -18.28 9.82
CA SER A 404 6.00 -18.76 11.18
C SER A 404 7.40 -18.32 11.63
N LEU A 405 7.68 -18.58 12.91
CA LEU A 405 8.96 -18.18 13.47
C LEU A 405 10.07 -19.14 13.05
N PRO A 406 11.29 -18.64 12.92
CA PRO A 406 12.41 -19.54 12.59
C PRO A 406 13.03 -20.15 13.84
N LYS A 407 13.81 -21.21 13.60
CA LYS A 407 14.43 -21.93 14.71
C LYS A 407 15.58 -21.12 15.30
N VAL A 408 15.63 -21.09 16.63
CA VAL A 408 16.66 -20.36 17.37
C VAL A 408 17.71 -21.37 17.82
N HIS A 409 18.94 -21.24 17.29
CA HIS A 409 20.02 -22.15 17.63
C HIS A 409 20.75 -21.69 18.89
N PRO A 410 21.23 -22.60 19.72
CA PRO A 410 21.93 -22.21 20.94
C PRO A 410 23.34 -21.70 20.73
N ARG A 411 23.82 -21.65 19.49
CA ARG A 411 25.18 -21.21 19.25
C ARG A 411 25.36 -19.74 19.64
N TYR A 412 26.56 -19.41 20.11
CA TYR A 412 26.89 -18.06 20.56
C TYR A 412 27.30 -17.15 19.41
N ASP A 413 27.16 -17.60 18.15
CA ASP A 413 27.60 -16.83 17.00
C ASP A 413 26.99 -15.43 17.01
N LEU A 414 27.84 -14.41 17.19
CA LEU A 414 27.33 -13.04 17.19
C LEU A 414 26.75 -12.66 15.84
N ASP A 415 27.39 -13.10 14.76
CA ASP A 415 26.83 -12.84 13.43
C ASP A 415 25.50 -13.55 13.25
N GLY A 416 25.41 -14.80 13.71
CA GLY A 416 24.17 -15.54 13.57
C GLY A 416 23.06 -15.00 14.45
N ASP A 417 23.42 -14.56 15.67
CA ASP A 417 22.42 -13.98 16.56
C ASP A 417 21.90 -12.65 16.04
N ALA A 418 22.69 -11.95 15.23
CA ALA A 418 22.26 -10.68 14.67
C ALA A 418 21.31 -10.89 13.49
N SER A 419 21.68 -11.79 12.58
CA SER A 419 20.78 -12.11 11.47
C SER A 419 19.51 -12.77 11.98
N MET A 420 19.63 -13.65 12.97
CA MET A 420 18.46 -14.29 13.55
C MET A 420 17.56 -13.28 14.26
N ALA A 421 18.15 -12.23 14.83
CA ALA A 421 17.34 -11.21 15.48
C ALA A 421 16.54 -10.39 14.46
N LYS A 422 17.19 -9.99 13.37
CA LYS A 422 16.48 -9.25 12.32
C LYS A 422 15.36 -10.10 11.72
N ALA A 423 15.61 -11.40 11.54
CA ALA A 423 14.62 -12.27 10.91
C ALA A 423 13.41 -12.46 11.81
N ILE A 424 13.63 -12.89 13.05
CA ILE A 424 12.51 -13.21 13.93
C ILE A 424 11.70 -11.96 14.25
N THR A 425 12.34 -10.80 14.32
CA THR A 425 11.61 -9.56 14.61
C THR A 425 10.84 -9.08 13.40
N GLY A 426 11.41 -9.23 12.20
CA GLY A 426 10.69 -8.84 10.99
C GLY A 426 9.41 -9.63 10.80
N VAL A 427 9.43 -10.92 11.19
CA VAL A 427 8.22 -11.73 11.10
C VAL A 427 7.14 -11.18 12.02
N VAL A 428 7.52 -10.83 13.25
CA VAL A 428 6.55 -10.29 14.20
C VAL A 428 6.06 -8.91 13.75
N CYS A 429 6.95 -8.11 13.15
CA CYS A 429 6.52 -6.85 12.56
C CYS A 429 5.44 -7.09 11.52
N TYR A 430 5.63 -8.10 10.66
CA TYR A 430 4.63 -8.40 9.64
C TYR A 430 3.31 -8.83 10.27
N ALA A 431 3.38 -9.75 11.24
CA ALA A 431 2.15 -10.20 11.91
C ALA A 431 1.44 -9.04 12.57
N CYS A 432 2.18 -8.14 13.22
CA CYS A 432 1.57 -6.96 13.81
C CYS A 432 1.03 -6.02 12.74
N ARG A 433 1.72 -5.93 11.60
CA ARG A 433 1.18 -5.15 10.48
C ARG A 433 -0.14 -5.73 10.00
N ILE A 434 -0.18 -7.04 9.80
CA ILE A 434 -1.42 -7.71 9.41
C ILE A 434 -2.49 -7.51 10.47
N ALA A 435 -2.11 -7.71 11.74
CA ALA A 435 -3.08 -7.52 12.82
C ALA A 435 -3.65 -6.11 12.82
N SER A 436 -2.84 -5.12 12.45
CA SER A 436 -3.35 -3.76 12.34
C SER A 436 -4.29 -3.61 11.15
N THR A 437 -4.04 -4.35 10.07
CA THR A 437 -4.90 -4.30 8.90
C THR A 437 -6.22 -5.02 9.16
N LEU A 438 -6.17 -6.13 9.90
CA LEU A 438 -7.39 -6.87 10.19
C LEU A 438 -8.35 -6.04 11.03
N LEU A 439 -7.83 -5.29 12.00
CA LEU A 439 -8.69 -4.44 12.82
C LEU A 439 -9.31 -3.32 11.98
N LEU A 440 -8.55 -2.79 11.01
CA LEU A 440 -9.09 -1.76 10.14
C LEU A 440 -10.26 -2.30 9.32
N TYR A 441 -10.07 -3.45 8.67
CA TYR A 441 -11.15 -4.04 7.87
C TYR A 441 -12.41 -4.21 8.70
N GLN A 442 -12.29 -4.68 9.94
CA GLN A 442 -13.47 -4.87 10.78
C GLN A 442 -14.12 -3.55 11.12
N GLU A 443 -13.32 -2.56 11.52
CA GLU A 443 -13.90 -1.26 11.88
C GLU A 443 -14.51 -0.58 10.66
N LEU A 444 -13.89 -0.73 9.49
CA LEU A 444 -14.49 -0.19 8.27
C LEU A 444 -15.76 -0.95 7.91
N MET A 445 -15.77 -2.26 8.13
CA MET A 445 -16.96 -3.05 7.86
C MET A 445 -18.14 -2.58 8.70
N ARG A 446 -17.91 -2.40 10.00
CA ARG A 446 -18.98 -1.97 10.89
C ARG A 446 -19.59 -0.65 10.42
N LYS A 447 -18.76 0.27 9.94
CA LYS A 447 -19.28 1.54 9.43
C LYS A 447 -20.01 1.34 8.10
N GLY A 448 -19.37 0.65 7.15
CA GLY A 448 -19.99 0.44 5.86
C GLY A 448 -21.33 -0.27 5.95
N ILE A 449 -21.54 -1.06 7.01
CA ILE A 449 -22.83 -1.70 7.24
C ILE A 449 -23.80 -0.71 7.88
N ARG A 450 -23.35 0.01 8.90
CA ARG A 450 -24.22 0.97 9.56
C ARG A 450 -24.72 2.02 8.58
N TRP A 451 -23.87 2.44 7.64
CA TRP A 451 -24.30 3.37 6.60
C TRP A 451 -25.29 2.70 5.64
N LEU A 452 -24.99 1.46 5.24
CA LEU A 452 -25.81 0.79 4.25
C LEU A 452 -27.23 0.56 4.77
N ILE A 453 -27.36 0.08 6.02
CA ILE A 453 -28.68 -0.16 6.57
C ILE A 453 -29.48 1.12 6.63
N GLU A 454 -28.82 2.25 6.94
CA GLU A 454 -29.51 3.52 6.96
C GLU A 454 -29.72 4.08 5.56
N LEU A 455 -28.86 3.69 4.61
CA LEU A 455 -29.03 4.14 3.24
C LEU A 455 -30.15 3.36 2.54
N ILE A 456 -30.21 2.06 2.76
CA ILE A 456 -31.34 1.28 2.25
C ILE A 456 -32.62 1.66 3.00
N LYS A 457 -32.50 2.10 4.25
CA LYS A 457 -33.67 2.62 4.96
C LYS A 457 -34.22 3.85 4.26
N ASP A 458 -33.35 4.68 3.69
CA ASP A 458 -33.80 5.83 2.92
C ASP A 458 -34.53 5.39 1.66
N ASP A 459 -34.06 4.31 1.03
CA ASP A 459 -34.79 3.75 -0.11
C ASP A 459 -36.18 3.28 0.32
N TYR A 460 -36.32 2.82 1.57
CA TYR A 460 -37.63 2.46 2.09
C TYR A 460 -38.47 3.70 2.39
N ASN A 461 -37.82 4.82 2.74
CA ASN A 461 -38.55 6.03 3.05
C ASN A 461 -39.11 6.68 1.79
N GLU A 462 -38.43 6.54 0.66
CA GLU A 462 -38.96 7.10 -0.60
C GLU A 462 -40.02 6.19 -1.20
N THR A 463 -39.92 4.88 -0.99
CA THR A 463 -40.97 3.99 -1.46
C THR A 463 -42.28 4.24 -0.73
N VAL A 464 -42.20 4.61 0.56
CA VAL A 464 -43.40 5.00 1.28
C VAL A 464 -44.01 6.25 0.67
N HIS A 465 -43.16 7.19 0.24
CA HIS A 465 -43.66 8.40 -0.40
C HIS A 465 -44.33 8.08 -1.73
N LYS A 466 -43.72 7.20 -2.53
CA LYS A 466 -44.34 6.82 -3.80
C LYS A 466 -45.58 5.97 -3.61
N LYS A 467 -45.71 5.29 -2.46
CA LYS A 467 -46.94 4.57 -2.16
C LYS A 467 -48.06 5.53 -1.79
N THR A 468 -47.75 6.57 -1.01
CA THR A 468 -48.77 7.55 -0.65
C THR A 468 -49.28 8.30 -1.88
N GLU A 469 -48.42 8.49 -2.89
CA GLU A 469 -48.88 9.11 -4.13
C GLU A 469 -49.94 8.23 -4.80
N VAL A 470 -49.73 6.92 -4.80
CA VAL A 470 -50.72 6.02 -5.39
C VAL A 470 -51.91 5.83 -4.45
N VAL A 471 -51.71 5.99 -3.14
CA VAL A 471 -52.81 5.88 -2.19
C VAL A 471 -53.74 7.08 -2.34
N ILE A 472 -53.18 8.29 -2.35
CA ILE A 472 -54.01 9.48 -2.57
C ILE A 472 -54.70 9.40 -3.92
N THR A 473 -53.97 8.96 -4.94
CA THR A 473 -54.59 8.76 -6.25
C THR A 473 -55.71 7.72 -6.17
N LEU A 474 -55.46 6.62 -5.47
CA LEU A 474 -56.48 5.58 -5.32
C LEU A 474 -57.69 6.12 -4.60
N ASP A 475 -57.49 6.68 -3.40
CA ASP A 475 -58.62 7.06 -2.55
C ASP A 475 -59.59 8.00 -3.26
N PHE A 476 -59.07 9.05 -3.89
CA PHE A 476 -59.94 10.05 -4.50
C PHE A 476 -60.54 9.54 -5.81
N CYS A 477 -59.76 8.81 -6.61
CA CYS A 477 -60.27 8.34 -7.89
C CYS A 477 -61.39 7.33 -7.70
N ILE A 478 -61.24 6.40 -6.76
CA ILE A 478 -62.31 5.44 -6.51
C ILE A 478 -63.51 6.12 -5.88
N ARG A 479 -63.28 7.14 -5.05
CA ARG A 479 -64.39 7.82 -4.38
C ARG A 479 -65.30 8.53 -5.38
N ASN A 480 -64.71 9.14 -6.41
CA ASN A 480 -65.52 9.81 -7.42
C ASN A 480 -66.41 8.81 -8.16
N ILE A 481 -65.89 7.61 -8.42
CA ILE A 481 -66.67 6.61 -9.14
C ILE A 481 -67.66 5.92 -8.22
N GLU A 482 -67.35 5.80 -6.93
CA GLU A 482 -68.31 5.31 -5.96
C GLU A 482 -69.32 6.38 -5.56
N LYS A 483 -69.02 7.66 -5.82
CA LYS A 483 -70.00 8.72 -5.62
C LYS A 483 -70.91 8.87 -6.84
N THR A 484 -70.37 8.64 -8.04
CA THR A 484 -71.14 8.83 -9.25
C THR A 484 -72.35 7.90 -9.31
N VAL A 485 -72.26 6.76 -8.63
CA VAL A 485 -73.39 5.82 -8.61
C VAL A 485 -74.48 6.27 -7.66
N LYS A 486 -74.14 7.06 -6.63
CA LYS A 486 -75.14 7.50 -5.67
C LYS A 486 -75.94 8.69 -6.18
N VAL A 487 -75.35 9.49 -7.06
CA VAL A 487 -76.02 10.69 -7.57
C VAL A 487 -76.22 10.57 -9.06
N TYR A 488 -76.83 11.59 -9.67
CA TYR A 488 -77.08 11.59 -11.11
C TYR A 488 -77.89 10.38 -11.54
N ALA A 498 -78.40 -0.52 -17.20
CA ALA A 498 -77.83 -1.62 -17.98
C ALA A 498 -76.53 -1.18 -18.63
N ALA A 499 -76.53 0.01 -19.23
CA ALA A 499 -75.33 0.54 -19.87
C ALA A 499 -74.39 1.14 -18.84
N GLU A 500 -74.86 2.15 -18.11
CA GLU A 500 -74.01 2.79 -17.11
C GLU A 500 -73.57 1.80 -16.04
N LEU A 501 -74.44 0.86 -15.67
CA LEU A 501 -74.11 -0.10 -14.62
C LEU A 501 -73.01 -1.05 -15.08
N GLY A 502 -73.01 -1.42 -16.36
CA GLY A 502 -71.97 -2.31 -16.86
C GLY A 502 -70.60 -1.66 -16.83
N GLU A 503 -70.53 -0.37 -17.13
CA GLU A 503 -69.26 0.35 -17.07
C GLU A 503 -68.79 0.48 -15.62
N ILE A 504 -69.67 0.95 -14.74
CA ILE A 504 -69.30 1.18 -13.35
C ILE A 504 -68.74 -0.10 -12.73
N SER A 505 -69.41 -1.23 -12.96
CA SER A 505 -68.97 -2.48 -12.36
C SER A 505 -67.58 -2.86 -12.83
N ASP A 506 -67.32 -2.77 -14.13
CA ASP A 506 -65.99 -3.08 -14.65
C ASP A 506 -64.95 -2.14 -14.06
N ILE A 507 -65.31 -0.86 -13.88
CA ILE A 507 -64.38 0.08 -13.25
C ILE A 507 -64.21 -0.25 -11.77
N HIS A 508 -65.33 -0.51 -11.08
CA HIS A 508 -65.24 -0.81 -9.66
C HIS A 508 -64.36 -2.02 -9.40
N THR A 509 -64.45 -3.04 -10.25
CA THR A 509 -63.57 -4.20 -10.09
C THR A 509 -62.11 -3.82 -10.32
N LYS A 510 -61.83 -3.13 -11.44
CA LYS A 510 -60.46 -2.74 -11.74
C LYS A 510 -59.83 -1.96 -10.60
N LEU A 511 -60.60 -1.04 -10.00
CA LEU A 511 -60.08 -0.29 -8.85
C LEU A 511 -59.75 -1.22 -7.69
N LEU A 512 -60.48 -2.34 -7.57
CA LEU A 512 -60.19 -3.30 -6.51
C LEU A 512 -59.02 -4.21 -6.87
N ARG A 513 -58.78 -4.42 -8.17
CA ARG A 513 -57.62 -5.22 -8.58
C ARG A 513 -56.32 -4.58 -8.10
N LEU A 514 -56.26 -3.25 -8.13
CA LEU A 514 -55.05 -2.52 -7.75
C LEU A 514 -55.01 -2.23 -6.24
N SER A 515 -56.15 -1.84 -5.66
CA SER A 515 -56.17 -1.55 -4.23
C SER A 515 -55.91 -2.81 -3.40
N SER A 516 -56.28 -3.98 -3.92
CA SER A 516 -56.00 -5.23 -3.22
C SER A 516 -54.49 -5.51 -3.20
N SER A 517 -53.85 -5.46 -4.37
CA SER A 517 -52.40 -5.59 -4.41
C SER A 517 -51.73 -4.44 -3.66
N GLN A 518 -52.39 -3.28 -3.60
CA GLN A 518 -51.87 -2.18 -2.80
C GLN A 518 -51.87 -2.54 -1.32
N GLY A 519 -52.77 -3.42 -0.89
CA GLY A 519 -52.74 -3.90 0.48
C GLY A 519 -51.71 -4.97 0.73
N THR A 520 -51.39 -5.77 -0.28
CA THR A 520 -50.34 -6.78 -0.13
C THR A 520 -48.98 -6.13 0.03
N ILE A 521 -48.69 -5.13 -0.82
CA ILE A 521 -47.41 -4.43 -0.74
C ILE A 521 -47.31 -3.67 0.56
N GLU A 522 -48.41 -3.03 1.00
CA GLU A 522 -48.39 -2.23 2.21
C GLU A 522 -47.91 -3.05 3.41
N THR A 523 -48.37 -4.29 3.52
CA THR A 523 -48.00 -5.12 4.67
C THR A 523 -46.64 -5.80 4.48
N SER A 524 -46.29 -6.15 3.23
CA SER A 524 -44.99 -6.78 3.01
C SER A 524 -43.85 -5.80 3.23
N LEU A 525 -44.11 -4.50 3.06
CA LEU A 525 -43.08 -3.51 3.38
C LEU A 525 -42.88 -3.36 4.88
N GLN A 526 -43.96 -3.52 5.67
CA GLN A 526 -43.80 -3.53 7.11
C GLN A 526 -42.95 -4.70 7.58
N ASP A 527 -42.96 -5.80 6.81
CA ASP A 527 -42.06 -6.90 7.10
C ASP A 527 -40.61 -6.52 6.81
N ILE A 528 -40.38 -5.79 5.72
CA ILE A 528 -39.04 -5.25 5.46
C ILE A 528 -38.68 -4.24 6.53
N ASP A 529 -39.63 -3.38 6.92
CA ASP A 529 -39.38 -2.46 8.03
C ASP A 529 -39.12 -3.20 9.32
N SER A 530 -39.76 -4.36 9.51
CA SER A 530 -39.46 -5.19 10.67
C SER A 530 -38.05 -5.76 10.59
N ARG A 531 -37.55 -6.01 9.39
CA ARG A 531 -36.18 -6.48 9.24
C ARG A 531 -35.18 -5.35 9.48
N LEU A 532 -35.47 -4.16 8.98
CA LEU A 532 -34.61 -3.01 9.20
C LEU A 532 -34.66 -2.51 10.64
N SER A 533 -35.69 -2.88 11.40
CA SER A 533 -35.76 -2.46 12.79
C SER A 533 -34.74 -3.23 13.62
N PRO A 534 -34.27 -2.64 14.72
CA PRO A 534 -33.30 -3.33 15.57
C PRO A 534 -33.80 -4.72 15.99
N GLY A 535 -32.92 -5.71 15.90
CA GLY A 535 -33.29 -7.08 16.17
C GLY A 535 -34.09 -7.74 15.07
N GLY A 536 -34.15 -7.13 13.89
CA GLY A 536 -34.96 -7.67 12.80
C GLY A 536 -34.21 -8.61 11.89
N SER A 537 -33.25 -9.35 12.46
CA SER A 537 -32.45 -10.35 11.76
C SER A 537 -31.52 -9.73 10.73
N LEU A 538 -31.56 -8.42 10.52
CA LEU A 538 -30.63 -7.73 9.64
C LEU A 538 -29.77 -6.73 10.40
N ALA A 539 -29.96 -6.61 11.71
CA ALA A 539 -29.22 -5.64 12.50
C ALA A 539 -27.73 -5.93 12.44
N ASP A 540 -26.94 -4.89 12.74
CA ASP A 540 -25.49 -4.99 12.78
C ASP A 540 -24.97 -5.35 14.16
N ALA A 541 -25.83 -5.89 15.03
CA ALA A 541 -25.39 -6.24 16.38
C ALA A 541 -24.33 -7.33 16.36
N TRP A 542 -24.40 -8.25 15.38
CA TRP A 542 -23.41 -9.31 15.31
C TRP A 542 -22.01 -8.74 15.07
N ALA A 543 -21.90 -7.70 14.25
CA ALA A 543 -20.60 -7.14 13.93
C ALA A 543 -19.98 -6.42 15.12
N HIS A 544 -20.81 -5.92 16.03
CA HIS A 544 -20.33 -5.28 17.26
C HIS A 544 -20.03 -6.30 18.35
N GLN A 545 -19.81 -7.56 17.99
CA GLN A 545 -19.61 -8.63 18.96
C GLN A 545 -18.54 -9.61 18.51
N GLU A 546 -18.65 -10.09 17.26
CA GLU A 546 -17.85 -11.24 16.84
C GLU A 546 -16.36 -10.89 16.73
N GLY A 547 -16.03 -9.85 15.96
CA GLY A 547 -14.64 -9.52 15.71
C GLY A 547 -13.92 -8.89 16.89
N THR A 548 -12.80 -8.24 16.60
CA THR A 548 -12.03 -7.51 17.60
C THR A 548 -12.25 -6.01 17.43
N HIS A 549 -11.92 -5.26 18.47
CA HIS A 549 -12.14 -3.83 18.53
C HIS A 549 -10.90 -3.11 19.02
N PRO A 550 -10.77 -1.81 18.73
CA PRO A 550 -9.67 -1.04 19.33
C PRO A 550 -9.71 -1.03 20.84
N LYS A 551 -10.85 -1.35 21.45
CA LYS A 551 -10.90 -1.48 22.90
C LYS A 551 -10.03 -2.63 23.39
N ASP A 552 -9.87 -3.66 22.57
CA ASP A 552 -9.03 -4.80 22.96
C ASP A 552 -7.56 -4.40 23.00
N ARG A 553 -7.16 -3.42 22.19
CA ARG A 553 -5.78 -2.97 22.16
C ARG A 553 -4.84 -4.11 21.75
N ASN A 554 -5.32 -4.98 20.87
CA ASN A 554 -4.51 -6.12 20.44
C ASN A 554 -3.27 -5.67 19.68
N VAL A 555 -3.36 -4.57 18.93
CA VAL A 555 -2.19 -4.07 18.22
C VAL A 555 -1.19 -3.47 19.21
N GLU A 556 -1.68 -2.79 20.23
CA GLU A 556 -0.78 -2.25 21.25
C GLU A 556 -0.11 -3.36 22.04
N LYS A 557 -0.83 -4.43 22.34
CA LYS A 557 -0.22 -5.57 23.03
C LYS A 557 0.93 -6.13 22.21
N LEU A 558 0.76 -6.27 20.89
CA LEU A 558 1.82 -6.80 20.06
C LEU A 558 2.98 -5.83 19.93
N GLN A 559 2.70 -4.52 19.95
CA GLN A 559 3.78 -3.55 19.81
C GLN A 559 4.69 -3.54 21.04
N VAL A 560 4.14 -3.83 22.23
CA VAL A 560 4.96 -3.90 23.43
C VAL A 560 6.02 -4.98 23.29
N LEU A 561 5.59 -6.22 23.03
CA LEU A 561 6.54 -7.30 22.84
C LEU A 561 7.46 -7.04 21.66
N LEU A 562 6.96 -6.35 20.63
CA LEU A 562 7.79 -6.05 19.47
C LEU A 562 8.88 -5.05 19.80
N ASN A 563 8.63 -4.13 20.73
CA ASN A 563 9.67 -3.22 21.18
C ASN A 563 10.74 -3.95 21.97
N CYS A 564 10.33 -4.87 22.85
CA CYS A 564 11.31 -5.69 23.56
C CYS A 564 12.26 -6.38 22.60
N MET A 565 11.72 -6.92 21.50
CA MET A 565 12.55 -7.62 20.54
C MET A 565 13.41 -6.66 19.74
N THR A 566 12.84 -5.52 19.34
CA THR A 566 13.62 -4.55 18.56
C THR A 566 14.80 -4.02 19.36
N GLU A 567 14.60 -3.77 20.66
CA GLU A 567 15.69 -3.32 21.51
C GLU A 567 16.79 -4.38 21.56
N ILE A 568 16.41 -5.65 21.65
CA ILE A 568 17.41 -6.72 21.66
C ILE A 568 18.13 -6.80 20.33
N TYR A 569 17.40 -6.57 19.23
CA TYR A 569 18.02 -6.64 17.91
C TYR A 569 19.13 -5.61 17.78
N TYR A 570 18.82 -4.34 18.03
CA TYR A 570 19.84 -3.30 17.92
C TYR A 570 20.97 -3.52 18.93
N GLN A 571 20.71 -4.26 20.00
CA GLN A 571 21.79 -4.60 20.94
C GLN A 571 22.72 -5.66 20.35
N PHE A 572 22.14 -6.66 19.66
CA PHE A 572 22.97 -7.67 19.03
C PHE A 572 23.80 -7.10 17.89
N LYS A 573 23.28 -6.07 17.19
CA LYS A 573 24.13 -5.35 16.25
C LYS A 573 25.33 -4.75 16.96
N LYS A 574 25.10 -4.15 18.13
CA LYS A 574 26.19 -3.54 18.89
C LYS A 574 27.21 -4.57 19.33
N ASP A 575 26.74 -5.77 19.68
CA ASP A 575 27.66 -6.83 20.10
C ASP A 575 28.39 -7.45 18.92
N LYS A 576 27.77 -7.48 17.74
CA LYS A 576 28.47 -7.95 16.55
C LYS A 576 29.62 -7.02 16.18
N ALA A 577 29.42 -5.71 16.33
CA ALA A 577 30.46 -4.77 15.95
C ALA A 577 31.71 -4.93 16.80
N GLU A 578 31.57 -5.42 18.03
CA GLU A 578 32.72 -5.63 18.89
C GLU A 578 33.45 -6.93 18.57
N ARG A 579 32.80 -7.87 17.88
CA ARG A 579 33.40 -9.13 17.45
C ARG A 579 33.58 -10.10 18.63
N ARG A 580 33.75 -9.58 19.84
CA ARG A 580 33.83 -10.42 21.03
C ARG A 580 33.35 -9.61 22.23
N LEU A 581 32.80 -10.32 23.21
CA LEU A 581 32.23 -9.69 24.40
C LEU A 581 32.92 -10.23 25.66
N ALA A 582 32.82 -9.45 26.73
CA ALA A 582 33.30 -9.90 28.03
C ALA A 582 32.41 -11.01 28.56
N TYR A 583 32.83 -11.58 29.70
CA TYR A 583 32.09 -12.71 30.26
C TYR A 583 30.69 -12.30 30.68
N ASN A 584 30.56 -11.17 31.36
CA ASN A 584 29.25 -10.72 31.80
C ASN A 584 28.36 -10.37 30.60
N GLU A 585 28.90 -9.59 29.66
CA GLU A 585 28.15 -9.32 28.43
C GLU A 585 27.85 -10.60 27.66
N GLU A 586 28.66 -11.65 27.85
CA GLU A 586 28.46 -12.89 27.11
C GLU A 586 27.20 -13.62 27.58
N GLN A 587 26.94 -13.63 28.89
CA GLN A 587 25.78 -14.35 29.39
C GLN A 587 24.51 -13.51 29.31
N ILE A 588 24.63 -12.18 29.38
CA ILE A 588 23.48 -11.32 29.12
C ILE A 588 23.00 -11.51 27.69
N HIS A 589 23.94 -11.59 26.74
CA HIS A 589 23.58 -11.85 25.36
C HIS A 589 22.84 -13.17 25.20
N LYS A 590 23.14 -14.16 26.04
CA LYS A 590 22.46 -15.45 25.96
C LYS A 590 21.11 -15.41 26.67
N PHE A 591 21.02 -14.71 27.81
CA PHE A 591 19.74 -14.59 28.48
C PHE A 591 18.73 -13.88 27.60
N ASP A 592 19.10 -12.73 27.05
CA ASP A 592 18.18 -11.99 26.21
C ASP A 592 17.84 -12.75 24.94
N LYS A 593 18.82 -13.49 24.39
CA LYS A 593 18.54 -14.30 23.20
C LYS A 593 17.48 -15.35 23.49
N GLN A 594 17.41 -15.83 24.73
CA GLN A 594 16.35 -16.76 25.11
C GLN A 594 15.03 -16.05 25.34
N LYS A 595 15.08 -14.81 25.85
CA LYS A 595 13.87 -14.01 25.98
C LYS A 595 13.35 -13.51 24.64
N LEU A 596 14.23 -13.39 23.64
CA LEU A 596 13.80 -13.01 22.31
C LEU A 596 12.84 -14.03 21.73
N TYR A 597 13.12 -15.32 21.94
CA TYR A 597 12.22 -16.38 21.49
C TYR A 597 10.91 -16.34 22.28
N TYR A 598 10.98 -16.15 23.60
CA TYR A 598 9.77 -16.16 24.41
C TYR A 598 8.86 -14.99 24.08
N HIS A 599 9.44 -13.81 23.78
CA HIS A 599 8.62 -12.68 23.36
C HIS A 599 7.91 -12.97 22.05
N ALA A 600 8.64 -13.52 21.07
CA ALA A 600 8.06 -13.77 19.76
C ALA A 600 6.92 -14.77 19.84
N THR A 601 7.13 -15.88 20.56
CA THR A 601 6.09 -16.90 20.67
C THR A 601 4.88 -16.36 21.41
N LYS A 602 5.10 -15.52 22.43
CA LYS A 602 3.99 -14.95 23.18
C LYS A 602 3.12 -14.08 22.29
N ALA A 603 3.73 -13.35 21.37
CA ALA A 603 2.98 -12.51 20.46
C ALA A 603 2.27 -13.34 19.39
N MET A 604 3.01 -14.25 18.74
CA MET A 604 2.42 -15.08 17.71
C MET A 604 1.21 -15.86 18.23
N THR A 605 1.31 -16.38 19.46
CA THR A 605 0.16 -17.06 20.03
C THR A 605 -1.01 -16.10 20.23
N HIS A 606 -0.74 -14.90 20.75
CA HIS A 606 -1.78 -13.90 20.90
C HIS A 606 -2.29 -13.39 19.55
N PHE A 607 -1.50 -13.54 18.49
CA PHE A 607 -1.94 -13.10 17.17
C PHE A 607 -2.91 -14.08 16.54
N THR A 608 -2.61 -15.39 16.62
CA THR A 608 -3.46 -16.38 15.99
C THR A 608 -4.64 -16.76 16.87
N ASP A 609 -4.44 -16.84 18.19
CA ASP A 609 -5.49 -17.28 19.09
C ASP A 609 -6.48 -16.19 19.46
N GLU A 610 -6.21 -14.94 19.08
CA GLU A 610 -7.09 -13.83 19.44
C GLU A 610 -7.49 -13.03 18.21
N CYS A 611 -6.49 -12.52 17.49
CA CYS A 611 -6.76 -11.63 16.36
C CYS A 611 -7.27 -12.40 15.15
N VAL A 612 -6.55 -13.46 14.75
CA VAL A 612 -6.92 -14.19 13.54
C VAL A 612 -8.27 -14.89 13.73
N LYS A 613 -8.41 -15.67 14.80
CA LYS A 613 -9.63 -16.45 14.99
C LYS A 613 -10.85 -15.55 15.05
N LYS A 614 -10.79 -14.49 15.86
CA LYS A 614 -11.93 -13.58 15.97
C LYS A 614 -12.16 -12.81 14.67
N TYR A 615 -11.17 -12.75 13.79
CA TYR A 615 -11.38 -12.14 12.48
C TYR A 615 -12.09 -13.10 11.54
N GLU A 616 -11.66 -14.37 11.51
CA GLU A 616 -12.29 -15.35 10.64
C GLU A 616 -13.74 -15.59 11.06
N ALA A 617 -14.05 -15.47 12.35
CA ALA A 617 -15.43 -15.58 12.79
C ALA A 617 -16.23 -14.36 12.36
N PHE A 618 -15.61 -13.18 12.37
CA PHE A 618 -16.27 -11.98 11.86
C PHE A 618 -16.45 -12.05 10.34
N LEU A 619 -15.53 -12.73 9.64
CA LEU A 619 -15.66 -12.89 8.20
C LEU A 619 -16.67 -13.97 7.83
N ASN A 620 -16.82 -15.00 8.66
CA ASN A 620 -17.81 -16.03 8.39
C ASN A 620 -19.22 -15.47 8.49
N LYS A 621 -19.53 -14.80 9.60
CA LYS A 621 -20.82 -14.15 9.74
C LYS A 621 -20.97 -12.95 8.82
N SER A 622 -19.89 -12.52 8.16
CA SER A 622 -20.00 -11.45 7.18
C SER A 622 -20.68 -11.95 5.90
N GLU A 623 -20.35 -13.17 5.46
CA GLU A 623 -21.05 -13.74 4.32
C GLU A 623 -22.53 -13.88 4.62
N GLU A 624 -22.88 -14.30 5.83
CA GLU A 624 -24.28 -14.51 6.18
C GLU A 624 -25.09 -13.23 5.97
N TRP A 625 -24.65 -12.13 6.58
CA TRP A 625 -25.40 -10.87 6.49
C TRP A 625 -25.44 -10.35 5.06
N ILE A 626 -24.41 -10.64 4.26
CA ILE A 626 -24.41 -10.19 2.87
C ILE A 626 -25.54 -10.86 2.10
N ARG A 627 -25.69 -12.18 2.28
CA ARG A 627 -26.77 -12.89 1.61
C ARG A 627 -28.13 -12.35 2.03
N LYS A 628 -28.31 -12.12 3.33
CA LYS A 628 -29.59 -11.64 3.84
C LYS A 628 -29.84 -10.19 3.43
N MET A 629 -28.78 -9.42 3.21
CA MET A 629 -28.95 -8.03 2.79
C MET A 629 -29.27 -7.95 1.31
N LEU A 630 -28.54 -8.69 0.46
CA LEU A 630 -28.84 -8.69 -0.96
C LEU A 630 -30.21 -9.31 -1.24
N HIS A 631 -30.66 -10.23 -0.39
CA HIS A 631 -32.00 -10.79 -0.57
C HIS A 631 -33.07 -9.74 -0.27
N LEU A 632 -32.92 -9.01 0.84
CA LEU A 632 -33.86 -7.95 1.15
C LEU A 632 -33.79 -6.82 0.13
N ARG A 633 -32.61 -6.56 -0.44
CA ARG A 633 -32.48 -5.51 -1.44
C ARG A 633 -33.17 -5.91 -2.74
N LYS A 634 -33.25 -7.21 -3.04
CA LYS A 634 -33.98 -7.66 -4.22
C LYS A 634 -35.48 -7.58 -4.00
N GLN A 635 -35.94 -7.89 -2.78
CA GLN A 635 -37.36 -7.74 -2.47
C GLN A 635 -37.78 -6.28 -2.54
N LEU A 636 -37.04 -5.40 -1.86
CA LEU A 636 -37.39 -3.98 -1.86
C LEU A 636 -37.39 -3.40 -3.27
N LEU A 637 -36.56 -3.93 -4.16
CA LEU A 637 -36.53 -3.45 -5.53
C LEU A 637 -37.84 -3.74 -6.24
N SER A 638 -38.26 -5.02 -6.26
CA SER A 638 -39.49 -5.38 -6.95
C SER A 638 -40.68 -4.64 -6.38
N LEU A 639 -40.86 -4.69 -5.05
CA LEU A 639 -41.98 -4.01 -4.43
C LEU A 639 -42.02 -2.54 -4.81
N THR A 640 -40.86 -1.90 -4.99
CA THR A 640 -40.83 -0.50 -5.39
C THR A 640 -41.21 -0.36 -6.86
N ASN A 641 -40.69 -1.24 -7.72
CA ASN A 641 -41.05 -1.19 -9.13
C ASN A 641 -42.53 -1.47 -9.35
N GLN A 642 -43.14 -2.27 -8.47
CA GLN A 642 -44.57 -2.54 -8.60
C GLN A 642 -45.39 -1.28 -8.34
N CYS A 643 -44.91 -0.39 -7.47
CA CYS A 643 -45.59 0.90 -7.31
C CYS A 643 -45.57 1.70 -8.60
N PHE A 644 -44.49 1.58 -9.38
CA PHE A 644 -44.46 2.22 -10.69
C PHE A 644 -45.33 1.46 -11.69
N ASP A 645 -45.51 0.16 -11.49
CA ASP A 645 -46.36 -0.62 -12.40
C ASP A 645 -47.82 -0.26 -12.21
N ILE A 646 -48.24 0.02 -10.97
CA ILE A 646 -49.60 0.46 -10.71
C ILE A 646 -49.74 1.98 -10.82
N GLU A 647 -48.63 2.72 -10.87
CA GLU A 647 -48.71 4.16 -11.07
C GLU A 647 -49.19 4.50 -12.47
N GLU A 648 -48.84 3.67 -13.46
CA GLU A 648 -49.30 3.88 -14.82
C GLU A 648 -50.68 3.31 -15.06
N GLU A 649 -51.16 2.43 -14.19
CA GLU A 649 -52.50 1.87 -14.33
C GLU A 649 -53.56 2.83 -13.81
N VAL A 650 -53.24 3.58 -12.75
CA VAL A 650 -54.20 4.55 -12.20
C VAL A 650 -54.28 5.83 -13.02
N SER A 651 -53.33 6.06 -13.93
CA SER A 651 -53.40 7.20 -14.81
C SER A 651 -54.32 6.96 -16.00
N LYS A 652 -54.61 5.69 -16.32
CA LYS A 652 -55.51 5.34 -17.41
C LYS A 652 -56.96 5.22 -16.96
N TYR A 653 -57.23 5.31 -15.65
CA TYR A 653 -58.57 5.22 -15.11
C TYR A 653 -59.05 6.51 -14.47
N GLN A 654 -58.17 7.25 -13.79
CA GLN A 654 -58.58 8.53 -13.21
C GLN A 654 -58.97 9.52 -14.30
N GLU A 655 -58.39 9.37 -15.50
CA GLU A 655 -58.70 10.23 -16.63
C GLU A 655 -59.70 9.58 -17.58
N TYR A 656 -60.47 8.60 -17.10
CA TYR A 656 -61.39 7.85 -17.95
C TYR A 656 -62.81 8.35 -17.74
N THR A 657 -63.43 7.99 -16.61
CA THR A 657 -64.81 8.40 -16.35
C THR A 657 -64.88 9.87 -15.98
N ASN A 658 -63.90 10.37 -15.23
CA ASN A 658 -63.88 11.78 -14.86
C ASN A 658 -63.77 12.69 -16.07
N GLU A 659 -63.33 12.17 -17.21
CA GLU A 659 -63.13 12.95 -18.43
C GLU A 659 -64.09 12.52 -19.53
N LEU A 660 -65.33 12.18 -19.16
CA LEU A 660 -66.34 11.80 -20.13
C LEU A 660 -66.71 13.02 -20.98
N GLN A 661 -67.02 12.76 -22.25
CA GLN A 661 -67.30 13.80 -23.22
C GLN A 661 -68.79 14.05 -23.36
N GLU A 662 -69.16 15.32 -23.52
CA GLU A 662 -70.54 15.71 -23.76
C GLU A 662 -70.57 17.17 -24.15
N THR A 663 -71.58 17.55 -24.94
CA THR A 663 -71.74 18.92 -25.39
C THR A 663 -71.82 19.89 -24.22
#